data_2DPE
#
_entry.id   2DPE
#
_cell.length_a   62.710
_cell.length_b   66.440
_cell.length_c   107.527
_cell.angle_alpha   90.00
_cell.angle_beta   90.00
_cell.angle_gamma   90.00
#
_symmetry.space_group_name_H-M   'P 21 21 21'
#
loop_
_entity.id
_entity.type
_entity.pdbx_description
1 polymer 'Chitinase-3-like protein 1'
2 branched alpha-D-mannopyranose-(1-3)-[alpha-D-mannopyranose-(1-6)]beta-D-mannopyranose-(1-4)-2-acetamido-2-deoxy-beta-D-glucopyranose-(1-4)-2-acetamido-2-deoxy-beta-D-glucopyranose
3 water water
#
_entity_poly.entity_id   1
_entity_poly.type   'polypeptide(L)'
_entity_poly.pdbx_seq_one_letter_code
;YKLICYYTSWSQYREGDGSCFPDAIDPFLCTHVIYSFANISNNEIDTWEWNDVTLYDTLNTLKNRNPKLKTLLSVGGWNF
GPERFSAIASKTQSRRTFIKSVPPFLRTHGFDGLDLAWLYPGRRDKRHLTTLVKEMKAEFIREAQAGTEQLLLSAAVSAG
KIAIDRGYDIAQISRHLDFISLLTYDFHGAWRQTVGHHSPLFAGNEDASSRFSNADYAVSYMLRLGAPANKLVMGIPTFG
RSFTLASSKTDVGAPVSGPGVPGRFTKEKGILAYYEICDFLHGATTHRFRDQQVPYATKGNQWVAYDDQESVKNKARYLK
NRQLAGAMVWALDLDDFRGTFCGQNLTFPLTSAVKDVLAEV
;
_entity_poly.pdbx_strand_id   A
#
# COMPACT_ATOMS: atom_id res chain seq x y z
N TYR A 1 8.20 15.90 -3.90
CA TYR A 1 7.36 14.87 -3.22
C TYR A 1 7.62 13.50 -3.83
N LYS A 2 7.48 12.46 -3.03
CA LYS A 2 7.67 11.11 -3.54
C LYS A 2 6.28 10.55 -3.89
N LEU A 3 6.19 9.71 -4.91
CA LEU A 3 4.94 9.08 -5.24
C LEU A 3 5.37 7.62 -5.34
N ILE A 4 5.13 6.86 -4.27
CA ILE A 4 5.46 5.45 -4.22
C ILE A 4 4.29 4.59 -4.73
N CYS A 5 4.54 3.78 -5.76
CA CYS A 5 3.46 2.96 -6.28
C CYS A 5 3.75 1.46 -6.30
N TYR A 6 2.84 0.67 -5.75
CA TYR A 6 3.02 -0.78 -5.72
C TYR A 6 2.42 -1.44 -6.95
N TYR A 7 3.09 -2.49 -7.42
CA TYR A 7 2.60 -3.30 -8.54
C TYR A 7 2.59 -4.71 -7.94
N THR A 8 1.49 -5.43 -8.10
CA THR A 8 1.41 -6.78 -7.53
C THR A 8 1.56 -7.85 -8.61
N SER A 9 2.38 -8.85 -8.30
CA SER A 9 2.67 -9.93 -9.23
C SER A 9 1.49 -10.78 -9.66
N TRP A 10 0.56 -11.05 -8.75
CA TRP A 10 -0.58 -11.90 -9.10
C TRP A 10 -1.58 -11.25 -10.04
N SER A 11 -1.40 -9.96 -10.34
CA SER A 11 -2.33 -9.28 -11.24
C SER A 11 -2.18 -9.70 -12.69
N GLN A 12 -1.08 -10.39 -13.01
CA GLN A 12 -0.87 -10.84 -14.38
C GLN A 12 -1.90 -11.90 -14.77
N TYR A 13 -2.45 -12.60 -13.78
CA TYR A 13 -3.40 -13.70 -14.00
C TYR A 13 -4.88 -13.36 -14.16
N ARG A 14 -5.27 -12.10 -13.95
CA ARG A 14 -6.68 -11.74 -14.07
C ARG A 14 -7.12 -11.88 -15.52
N GLU A 15 -8.38 -12.23 -15.76
CA GLU A 15 -8.76 -12.41 -17.15
C GLU A 15 -9.06 -11.17 -17.96
N GLY A 16 -8.80 -11.29 -19.26
CA GLY A 16 -9.02 -10.21 -20.18
C GLY A 16 -8.29 -8.92 -19.85
N ASP A 17 -9.03 -7.82 -19.89
CA ASP A 17 -8.50 -6.49 -19.61
C ASP A 17 -7.93 -6.30 -18.21
N GLY A 18 -8.35 -7.14 -17.27
CA GLY A 18 -7.85 -7.02 -15.90
C GLY A 18 -6.40 -7.44 -15.77
N SER A 19 -5.91 -8.19 -16.75
CA SER A 19 -4.53 -8.66 -16.75
C SER A 19 -3.59 -7.46 -16.86
N CYS A 20 -2.67 -7.37 -15.90
CA CYS A 20 -1.72 -6.26 -15.87
C CYS A 20 -0.28 -6.75 -15.75
N PHE A 21 0.59 -6.30 -16.66
CA PHE A 21 2.00 -6.64 -16.65
C PHE A 21 2.78 -5.34 -16.43
N PRO A 22 4.04 -5.42 -15.97
CA PRO A 22 4.83 -4.20 -15.73
C PRO A 22 4.90 -3.20 -16.88
N ASP A 23 4.81 -3.65 -18.12
CA ASP A 23 4.90 -2.70 -19.22
C ASP A 23 3.66 -1.82 -19.43
N ALA A 24 2.61 -2.05 -18.64
CA ALA A 24 1.43 -1.22 -18.72
C ALA A 24 1.67 0.04 -17.90
N ILE A 25 2.74 0.02 -17.11
CA ILE A 25 3.07 1.14 -16.25
C ILE A 25 3.78 2.30 -16.95
N ASP A 26 3.22 3.50 -16.80
CA ASP A 26 3.74 4.74 -17.36
C ASP A 26 5.02 5.04 -16.57
N PRO A 27 6.20 5.05 -17.24
CA PRO A 27 7.49 5.31 -16.58
C PRO A 27 7.61 6.62 -15.83
N PHE A 28 6.81 7.61 -16.24
CA PHE A 28 6.87 8.93 -15.61
C PHE A 28 5.76 9.22 -14.59
N LEU A 29 4.90 8.24 -14.34
CA LEU A 29 3.80 8.43 -13.41
C LEU A 29 4.30 8.55 -11.96
N CYS A 30 5.01 7.52 -11.49
CA CYS A 30 5.51 7.48 -10.10
C CYS A 30 7.00 7.78 -9.99
N THR A 31 7.47 8.10 -8.78
CA THR A 31 8.90 8.34 -8.60
C THR A 31 9.55 7.02 -8.21
N HIS A 32 8.80 6.16 -7.52
CA HIS A 32 9.28 4.86 -7.07
C HIS A 32 8.23 3.78 -7.35
N VAL A 33 8.64 2.64 -7.91
CA VAL A 33 7.68 1.57 -8.13
C VAL A 33 8.16 0.34 -7.35
N ILE A 34 7.26 -0.23 -6.55
CA ILE A 34 7.59 -1.38 -5.72
C ILE A 34 6.91 -2.64 -6.23
N TYR A 35 7.70 -3.69 -6.46
CA TYR A 35 7.20 -4.98 -6.93
C TYR A 35 6.86 -5.85 -5.71
N SER A 36 5.63 -6.38 -5.67
CA SER A 36 5.16 -7.21 -4.54
C SER A 36 4.77 -8.60 -5.04
N PHE A 37 5.24 -9.69 -4.40
CA PHE A 37 6.11 -9.68 -3.22
C PHE A 37 7.18 -10.76 -3.45
N ALA A 38 8.31 -10.64 -2.76
CA ALA A 38 9.35 -11.63 -2.84
C ALA A 38 9.09 -12.58 -1.67
N ASN A 39 9.63 -13.78 -1.77
CA ASN A 39 9.46 -14.81 -0.75
C ASN A 39 10.78 -14.91 0.02
N ILE A 40 10.82 -15.74 1.05
CA ILE A 40 12.05 -16.01 1.78
C ILE A 40 12.07 -17.54 1.86
N SER A 41 13.15 -18.13 1.35
CA SER A 41 13.34 -19.59 1.35
C SER A 41 14.74 -19.87 1.86
N ASN A 42 14.86 -20.83 2.78
CA ASN A 42 16.15 -21.20 3.32
C ASN A 42 16.81 -19.94 3.87
N ASN A 43 15.99 -19.11 4.50
CA ASN A 43 16.42 -17.85 5.10
C ASN A 43 17.07 -16.85 4.16
N GLU A 44 16.78 -16.98 2.87
CA GLU A 44 17.31 -16.07 1.86
C GLU A 44 16.17 -15.52 1.04
N ILE A 45 16.32 -14.30 0.55
CA ILE A 45 15.27 -13.70 -0.27
C ILE A 45 15.18 -14.53 -1.56
N ASP A 46 13.98 -14.67 -2.10
CA ASP A 46 13.79 -15.51 -3.26
C ASP A 46 12.59 -15.02 -4.07
N THR A 47 12.46 -15.53 -5.29
CA THR A 47 11.34 -15.18 -6.15
C THR A 47 10.11 -15.87 -5.60
N TRP A 48 8.95 -15.46 -6.09
CA TRP A 48 7.68 -16.01 -5.65
C TRP A 48 6.99 -16.71 -6.83
N GLU A 49 6.69 -15.93 -7.87
CA GLU A 49 6.05 -16.46 -9.06
C GLU A 49 7.06 -17.11 -9.99
N TRP A 50 6.59 -18.05 -10.81
CA TRP A 50 7.45 -18.77 -11.75
C TRP A 50 8.15 -17.85 -12.74
N ASN A 51 7.48 -16.78 -13.16
CA ASN A 51 8.08 -15.87 -14.13
C ASN A 51 8.58 -14.54 -13.56
N ASP A 52 8.81 -14.47 -12.25
CA ASP A 52 9.28 -13.24 -11.62
C ASP A 52 10.55 -12.67 -12.26
N VAL A 53 11.54 -13.53 -12.50
CA VAL A 53 12.79 -13.06 -13.10
C VAL A 53 12.52 -12.31 -14.40
N THR A 54 11.51 -12.76 -15.14
CA THR A 54 11.13 -12.11 -16.38
C THR A 54 10.37 -10.80 -16.12
N LEU A 55 9.47 -10.80 -15.13
CA LEU A 55 8.74 -9.57 -14.84
C LEU A 55 9.65 -8.53 -14.16
N TYR A 56 10.64 -8.97 -13.38
CA TYR A 56 11.60 -8.04 -12.77
C TYR A 56 12.26 -7.27 -13.89
N ASP A 57 12.69 -8.01 -14.89
CA ASP A 57 13.37 -7.43 -16.05
C ASP A 57 12.46 -6.46 -16.80
N THR A 58 11.20 -6.85 -16.99
CA THR A 58 10.24 -5.97 -17.67
C THR A 58 10.05 -4.67 -16.90
N LEU A 59 9.87 -4.79 -15.58
CA LEU A 59 9.68 -3.61 -14.72
C LEU A 59 10.89 -2.70 -14.76
N ASN A 60 12.06 -3.28 -14.56
CA ASN A 60 13.28 -2.49 -14.53
C ASN A 60 13.71 -1.88 -15.87
N THR A 61 13.11 -2.31 -16.97
CA THR A 61 13.46 -1.70 -18.26
C THR A 61 12.75 -0.36 -18.42
N LEU A 62 11.81 -0.06 -17.52
CA LEU A 62 11.10 1.21 -17.56
C LEU A 62 12.11 2.31 -17.27
N LYS A 63 13.18 1.92 -16.58
CA LYS A 63 14.24 2.86 -16.26
C LYS A 63 15.04 3.30 -17.49
N ASN A 64 14.85 2.63 -18.62
CA ASN A 64 15.57 3.06 -19.81
C ASN A 64 14.83 4.24 -20.43
N ARG A 65 13.58 4.44 -20.00
CA ARG A 65 12.80 5.54 -20.49
C ARG A 65 12.82 6.70 -19.51
N ASN A 66 12.79 6.40 -18.22
CA ASN A 66 12.87 7.41 -17.17
C ASN A 66 14.02 7.00 -16.27
N PRO A 67 15.22 7.57 -16.48
CA PRO A 67 16.39 7.22 -15.67
C PRO A 67 16.30 7.63 -14.20
N LYS A 68 15.34 8.48 -13.85
CA LYS A 68 15.17 8.90 -12.47
C LYS A 68 14.30 7.93 -11.67
N LEU A 69 13.59 7.05 -12.36
CA LEU A 69 12.70 6.07 -11.72
C LEU A 69 13.50 5.12 -10.83
N LYS A 70 13.01 4.88 -9.62
CA LYS A 70 13.66 3.93 -8.70
C LYS A 70 12.72 2.74 -8.49
N THR A 71 13.28 1.54 -8.37
CA THR A 71 12.44 0.37 -8.14
C THR A 71 12.86 -0.34 -6.85
N LEU A 72 11.90 -0.93 -6.17
CA LEU A 72 12.17 -1.67 -4.96
C LEU A 72 11.43 -2.98 -5.02
N LEU A 73 11.94 -3.97 -4.30
CA LEU A 73 11.30 -5.26 -4.25
C LEU A 73 10.79 -5.38 -2.81
N SER A 74 9.50 -5.66 -2.66
CA SER A 74 8.91 -5.78 -1.33
C SER A 74 8.91 -7.24 -0.88
N VAL A 75 9.37 -7.49 0.35
CA VAL A 75 9.42 -8.84 0.90
C VAL A 75 8.33 -9.01 1.98
N GLY A 76 7.61 -10.12 1.93
CA GLY A 76 6.56 -10.35 2.91
C GLY A 76 5.19 -10.34 2.27
N GLY A 77 4.29 -9.50 2.78
CA GLY A 77 2.96 -9.42 2.22
C GLY A 77 1.94 -10.24 3.00
N TRP A 78 0.68 -10.21 2.57
CA TRP A 78 -0.38 -10.95 3.27
C TRP A 78 -0.36 -12.46 3.15
N ASN A 79 0.15 -12.98 2.04
CA ASN A 79 0.19 -14.43 1.91
C ASN A 79 1.47 -14.99 2.49
N PHE A 80 2.18 -14.12 3.19
CA PHE A 80 3.41 -14.48 3.86
C PHE A 80 3.04 -14.50 5.34
N GLY A 81 3.12 -15.66 5.97
CA GLY A 81 2.78 -15.74 7.37
C GLY A 81 3.63 -14.81 8.23
N PRO A 82 3.01 -14.01 9.12
CA PRO A 82 3.80 -13.12 9.97
C PRO A 82 4.70 -13.93 10.90
N GLU A 83 4.27 -15.14 11.24
CA GLU A 83 5.06 -16.02 12.10
C GLU A 83 6.37 -16.35 11.41
N ARG A 84 6.32 -16.45 10.09
CA ARG A 84 7.52 -16.77 9.33
C ARG A 84 8.56 -15.65 9.47
N PHE A 85 8.10 -14.40 9.46
CA PHE A 85 9.01 -13.27 9.63
C PHE A 85 9.54 -13.34 11.06
N SER A 86 8.63 -13.64 11.96
CA SER A 86 8.91 -13.75 13.38
C SER A 86 10.13 -14.64 13.63
N ALA A 87 10.07 -15.85 13.09
CA ALA A 87 11.12 -16.83 13.28
C ALA A 87 12.47 -16.41 12.69
N ILE A 88 12.45 -15.72 11.55
CA ILE A 88 13.70 -15.28 10.93
C ILE A 88 14.38 -14.16 11.71
N ALA A 89 13.60 -13.19 12.16
CA ALA A 89 14.12 -12.03 12.88
C ALA A 89 14.55 -12.30 14.34
N SER A 90 13.91 -13.27 14.98
CA SER A 90 14.17 -13.64 16.38
C SER A 90 15.56 -14.16 16.69
N LYS A 91 16.18 -14.82 15.71
CA LYS A 91 17.49 -15.42 15.90
C LYS A 91 18.57 -14.71 15.12
N THR A 92 19.63 -14.31 15.81
CA THR A 92 20.73 -13.60 15.16
C THR A 92 21.21 -14.30 13.89
N GLN A 93 21.39 -15.61 13.95
CA GLN A 93 21.90 -16.37 12.81
C GLN A 93 21.02 -16.39 11.56
N SER A 94 19.72 -16.61 11.70
CA SER A 94 18.87 -16.64 10.52
C SER A 94 18.68 -15.22 9.99
N ARG A 95 18.71 -14.25 10.89
CA ARG A 95 18.56 -12.86 10.50
C ARG A 95 19.75 -12.40 9.67
N ARG A 96 20.95 -12.76 10.12
CA ARG A 96 22.18 -12.38 9.41
C ARG A 96 22.21 -13.01 8.03
N THR A 97 21.75 -14.26 7.97
CA THR A 97 21.72 -14.99 6.71
C THR A 97 20.80 -14.28 5.72
N PHE A 98 19.61 -13.92 6.17
CA PHE A 98 18.67 -13.22 5.32
C PHE A 98 19.23 -11.86 4.86
N ILE A 99 19.76 -11.08 5.79
CA ILE A 99 20.31 -9.79 5.46
C ILE A 99 21.41 -9.88 4.40
N LYS A 100 22.29 -10.87 4.57
CA LYS A 100 23.39 -11.07 3.62
C LYS A 100 22.97 -11.44 2.22
N SER A 101 21.85 -12.15 2.09
CA SER A 101 21.37 -12.57 0.78
C SER A 101 20.70 -11.45 -0.01
N VAL A 102 20.31 -10.38 0.65
CA VAL A 102 19.58 -9.33 -0.04
C VAL A 102 20.30 -8.46 -1.09
N PRO A 103 21.41 -7.81 -0.75
CA PRO A 103 22.10 -6.99 -1.75
C PRO A 103 22.46 -7.66 -3.09
N PRO A 104 23.04 -8.87 -3.07
CA PRO A 104 23.39 -9.49 -4.37
C PRO A 104 22.16 -9.81 -5.22
N PHE A 105 21.07 -10.16 -4.57
CA PHE A 105 19.82 -10.49 -5.26
C PHE A 105 19.27 -9.24 -5.95
N LEU A 106 19.25 -8.14 -5.20
CA LEU A 106 18.76 -6.85 -5.69
C LEU A 106 19.60 -6.35 -6.87
N ARG A 107 20.92 -6.46 -6.73
CA ARG A 107 21.89 -6.04 -7.74
C ARG A 107 21.69 -6.86 -9.03
N THR A 108 21.58 -8.17 -8.88
CA THR A 108 21.40 -9.10 -10.00
C THR A 108 20.15 -8.78 -10.81
N HIS A 109 19.06 -8.45 -10.12
CA HIS A 109 17.81 -8.19 -10.82
C HIS A 109 17.52 -6.72 -11.12
N GLY A 110 18.44 -5.84 -10.75
CA GLY A 110 18.29 -4.42 -11.06
C GLY A 110 17.41 -3.56 -10.19
N PHE A 111 17.21 -3.95 -8.93
CA PHE A 111 16.41 -3.17 -7.99
C PHE A 111 17.25 -2.14 -7.27
N ASP A 112 16.63 -1.05 -6.85
CA ASP A 112 17.32 0.01 -6.14
C ASP A 112 17.14 -0.06 -4.63
N GLY A 113 16.32 -0.99 -4.17
CA GLY A 113 16.09 -1.10 -2.75
C GLY A 113 15.13 -2.20 -2.37
N LEU A 114 14.97 -2.35 -1.06
CA LEU A 114 14.12 -3.37 -0.47
C LEU A 114 13.05 -2.72 0.37
N ASP A 115 11.81 -3.22 0.23
CA ASP A 115 10.69 -2.73 1.03
C ASP A 115 10.30 -3.87 1.96
N LEU A 116 10.12 -3.58 3.25
CA LEU A 116 9.75 -4.61 4.21
C LEU A 116 8.25 -4.56 4.46
N ALA A 117 7.56 -5.66 4.17
CA ALA A 117 6.12 -5.72 4.40
C ALA A 117 5.77 -6.85 5.38
N TRP A 118 6.16 -6.67 6.63
CA TRP A 118 5.87 -7.64 7.70
C TRP A 118 4.51 -7.20 8.23
N LEU A 119 3.48 -7.97 7.92
CA LEU A 119 2.11 -7.63 8.32
C LEU A 119 1.48 -8.69 9.26
N TYR A 120 1.58 -8.54 10.58
CA TYR A 120 2.23 -7.43 11.27
C TYR A 120 3.03 -7.92 12.47
N PRO A 121 4.00 -7.12 12.93
CA PRO A 121 4.80 -7.52 14.10
C PRO A 121 3.92 -7.46 15.34
N GLY A 122 4.09 -8.42 16.25
CA GLY A 122 3.31 -8.43 17.48
C GLY A 122 4.16 -7.91 18.62
N ARG A 123 3.60 -7.87 19.83
CA ARG A 123 4.31 -7.39 21.01
C ARG A 123 5.68 -8.05 21.21
N ARG A 124 5.77 -9.36 20.97
CA ARG A 124 7.02 -10.07 21.15
C ARG A 124 8.01 -9.88 20.00
N ASP A 125 7.58 -9.22 18.93
CA ASP A 125 8.44 -8.97 17.76
C ASP A 125 9.06 -7.60 17.72
N LYS A 126 8.48 -6.65 18.45
CA LYS A 126 8.96 -5.27 18.39
C LYS A 126 10.49 -5.10 18.44
N ARG A 127 11.16 -5.76 19.38
CA ARG A 127 12.62 -5.66 19.52
C ARG A 127 13.38 -6.23 18.33
N HIS A 128 12.88 -7.33 17.77
CA HIS A 128 13.54 -7.99 16.65
C HIS A 128 13.37 -7.20 15.36
N LEU A 129 12.22 -6.57 15.18
CA LEU A 129 11.97 -5.76 13.99
C LEU A 129 13.00 -4.63 14.01
N THR A 130 13.17 -4.00 15.15
CA THR A 130 14.15 -2.92 15.24
C THR A 130 15.53 -3.43 14.85
N THR A 131 15.88 -4.60 15.35
CA THR A 131 17.16 -5.22 15.07
C THR A 131 17.30 -5.50 13.56
N LEU A 132 16.25 -6.04 12.96
CA LEU A 132 16.25 -6.34 11.53
C LEU A 132 16.50 -5.09 10.67
N VAL A 133 15.83 -4.00 11.00
CA VAL A 133 15.97 -2.75 10.27
C VAL A 133 17.37 -2.15 10.40
N LYS A 134 17.88 -2.09 11.63
CA LYS A 134 19.20 -1.54 11.89
C LYS A 134 20.29 -2.28 11.12
N GLU A 135 20.30 -3.59 11.29
CA GLU A 135 21.30 -4.43 10.66
C GLU A 135 21.17 -4.48 9.14
N MET A 136 19.94 -4.39 8.63
CA MET A 136 19.77 -4.39 7.18
C MET A 136 20.38 -3.12 6.62
N LYS A 137 20.09 -2.00 7.26
CA LYS A 137 20.63 -0.71 6.83
C LYS A 137 22.17 -0.67 6.92
N ALA A 138 22.72 -1.24 7.99
CA ALA A 138 24.18 -1.27 8.14
C ALA A 138 24.83 -2.05 6.98
N GLU A 139 24.19 -3.14 6.58
CA GLU A 139 24.67 -3.96 5.47
C GLU A 139 24.63 -3.15 4.18
N PHE A 140 23.57 -2.39 3.98
CA PHE A 140 23.44 -1.57 2.78
C PHE A 140 24.53 -0.50 2.78
N ILE A 141 24.82 0.04 3.96
CA ILE A 141 25.84 1.08 4.07
C ILE A 141 27.17 0.47 3.67
N ARG A 142 27.43 -0.75 4.13
CA ARG A 142 28.65 -1.48 3.85
C ARG A 142 28.79 -1.83 2.36
N GLU A 143 27.70 -2.32 1.76
CA GLU A 143 27.71 -2.73 0.36
C GLU A 143 28.01 -1.57 -0.60
N ALA A 144 27.58 -0.36 -0.24
CA ALA A 144 27.81 0.81 -1.08
C ALA A 144 29.29 1.20 -1.16
N GLN A 145 30.14 0.62 -0.30
CA GLN A 145 31.58 0.93 -0.33
C GLN A 145 32.17 0.43 -1.64
N ALA A 146 31.44 -0.46 -2.31
CA ALA A 146 31.90 -1.04 -3.57
C ALA A 146 31.77 -0.08 -4.74
N GLY A 147 31.26 1.12 -4.49
CA GLY A 147 31.14 2.10 -5.57
C GLY A 147 29.77 2.22 -6.22
N THR A 148 28.83 1.38 -5.82
CA THR A 148 27.50 1.46 -6.40
C THR A 148 26.59 2.26 -5.48
N GLU A 149 25.61 2.92 -6.06
CA GLU A 149 24.65 3.73 -5.30
C GLU A 149 24.03 2.93 -4.16
N GLN A 150 24.04 3.49 -2.94
CA GLN A 150 23.51 2.81 -1.78
C GLN A 150 22.04 2.40 -1.97
N LEU A 151 21.73 1.15 -1.60
CA LEU A 151 20.39 0.61 -1.70
C LEU A 151 19.45 1.30 -0.71
N LEU A 152 18.20 1.47 -1.13
CA LEU A 152 17.17 2.09 -0.29
C LEU A 152 16.50 1.04 0.58
N LEU A 153 16.04 1.45 1.77
CA LEU A 153 15.34 0.53 2.66
C LEU A 153 14.06 1.23 3.13
N SER A 154 12.92 0.61 2.88
CA SER A 154 11.65 1.18 3.31
C SER A 154 10.83 0.11 4.01
N ALA A 155 9.71 0.51 4.59
CA ALA A 155 8.84 -0.43 5.27
C ALA A 155 7.40 0.06 5.20
N ALA A 156 6.48 -0.90 5.08
CA ALA A 156 5.05 -0.59 5.05
C ALA A 156 4.66 -0.83 6.51
N VAL A 157 4.03 0.17 7.14
CA VAL A 157 3.66 0.09 8.55
C VAL A 157 2.17 0.28 8.84
N SER A 158 1.64 -0.44 9.82
CA SER A 158 0.22 -0.30 10.17
C SER A 158 -0.12 1.14 10.56
N ALA A 159 -1.36 1.54 10.28
CA ALA A 159 -1.82 2.87 10.65
C ALA A 159 -2.75 2.75 11.84
N GLY A 160 -2.91 1.53 12.35
CA GLY A 160 -3.77 1.30 13.50
C GLY A 160 -3.03 1.56 14.79
N LYS A 161 -3.56 2.48 15.60
CA LYS A 161 -2.93 2.87 16.87
C LYS A 161 -2.46 1.70 17.74
N ILE A 162 -3.33 0.73 17.92
CA ILE A 162 -3.02 -0.43 18.76
C ILE A 162 -1.93 -1.30 18.14
N ALA A 163 -1.98 -1.46 16.81
CA ALA A 163 -0.97 -2.23 16.11
C ALA A 163 0.38 -1.51 16.24
N ILE A 164 0.37 -0.20 16.08
CA ILE A 164 1.61 0.59 16.19
C ILE A 164 2.22 0.47 17.59
N ASP A 165 1.39 0.66 18.62
CA ASP A 165 1.86 0.59 20.00
C ASP A 165 2.39 -0.79 20.37
N ARG A 166 1.76 -1.82 19.82
CA ARG A 166 2.11 -3.20 20.07
C ARG A 166 3.40 -3.67 19.37
N GLY A 167 3.51 -3.43 18.07
CA GLY A 167 4.65 -3.97 17.35
C GLY A 167 5.81 -3.12 16.82
N TYR A 168 5.75 -1.80 16.93
CA TYR A 168 6.80 -0.96 16.34
C TYR A 168 7.48 0.06 17.26
N ASP A 169 8.79 0.16 17.16
CA ASP A 169 9.52 1.19 17.92
C ASP A 169 9.74 2.26 16.86
N ILE A 170 8.71 3.07 16.63
CA ILE A 170 8.75 4.11 15.61
C ILE A 170 9.96 5.06 15.66
N ALA A 171 10.27 5.60 16.83
CA ALA A 171 11.41 6.49 16.94
C ALA A 171 12.70 5.86 16.41
N GLN A 172 12.92 4.60 16.76
CA GLN A 172 14.12 3.89 16.32
C GLN A 172 14.16 3.53 14.83
N ILE A 173 13.13 2.89 14.30
CA ILE A 173 13.20 2.49 12.90
C ILE A 173 13.16 3.67 11.93
N SER A 174 12.52 4.77 12.34
CA SER A 174 12.47 5.96 11.49
C SER A 174 13.86 6.46 11.14
N ARG A 175 14.81 6.34 12.07
CA ARG A 175 16.15 6.82 11.76
C ARG A 175 16.91 5.96 10.76
N HIS A 176 16.52 4.71 10.61
CA HIS A 176 17.21 3.82 9.67
C HIS A 176 16.52 3.62 8.32
N LEU A 177 15.23 3.93 8.25
CA LEU A 177 14.48 3.75 7.00
C LEU A 177 14.54 4.99 6.14
N ASP A 178 14.57 4.80 4.83
CA ASP A 178 14.60 5.94 3.90
C ASP A 178 13.20 6.54 3.83
N PHE A 179 12.18 5.69 3.95
CA PHE A 179 10.81 6.15 4.02
C PHE A 179 9.91 5.08 4.61
N ILE A 180 8.84 5.53 5.24
CA ILE A 180 7.88 4.67 5.89
C ILE A 180 6.54 4.90 5.21
N SER A 181 5.91 3.83 4.71
CA SER A 181 4.61 3.98 4.07
C SER A 181 3.53 3.61 5.08
N LEU A 182 2.62 4.54 5.36
CA LEU A 182 1.52 4.29 6.28
C LEU A 182 0.34 3.63 5.57
N LEU A 183 -0.12 2.50 6.08
CA LEU A 183 -1.23 1.78 5.45
C LEU A 183 -2.54 2.39 5.93
N THR A 184 -2.79 3.62 5.49
CA THR A 184 -3.98 4.34 5.90
C THR A 184 -5.26 4.00 5.12
N TYR A 185 -5.50 2.71 4.93
CA TYR A 185 -6.69 2.28 4.22
C TYR A 185 -7.27 0.99 4.76
N ASP A 186 -6.97 0.69 6.03
CA ASP A 186 -7.48 -0.52 6.66
C ASP A 186 -8.19 -0.17 7.98
N PHE A 187 -9.00 0.88 7.94
CA PHE A 187 -9.68 1.35 9.14
C PHE A 187 -11.05 0.73 9.41
N HIS A 188 -11.40 -0.26 8.60
CA HIS A 188 -12.67 -0.97 8.71
C HIS A 188 -12.53 -2.03 7.65
N GLY A 189 -13.59 -2.82 7.44
CA GLY A 189 -13.55 -3.91 6.52
C GLY A 189 -13.34 -4.92 7.63
N ALA A 190 -12.17 -5.54 7.66
CA ALA A 190 -11.72 -6.56 8.62
C ALA A 190 -12.81 -7.55 8.97
N TRP A 191 -13.89 -7.93 8.34
CA TRP A 191 -14.99 -8.55 9.31
C TRP A 191 -15.71 -7.80 10.58
N ARG A 192 -16.31 -6.65 10.40
CA ARG A 192 -17.12 -6.11 11.57
C ARG A 192 -18.50 -5.93 10.93
N GLN A 193 -19.53 -6.51 11.54
CA GLN A 193 -20.89 -6.57 11.01
C GLN A 193 -21.71 -5.29 10.83
N THR A 194 -21.03 -4.20 10.49
CA THR A 194 -21.67 -2.92 10.24
C THR A 194 -21.03 -2.33 8.99
N VAL A 195 -21.71 -1.36 8.38
CA VAL A 195 -21.22 -0.70 7.18
C VAL A 195 -20.31 0.48 7.59
N GLY A 196 -19.18 0.63 6.92
CA GLY A 196 -18.25 1.73 7.25
C GLY A 196 -17.15 1.93 6.22
N HIS A 197 -16.46 3.07 6.27
CA HIS A 197 -15.40 3.36 5.31
C HIS A 197 -14.03 2.98 5.86
N HIS A 198 -13.27 2.26 5.03
CA HIS A 198 -11.94 1.78 5.38
C HIS A 198 -10.83 2.83 5.27
N SER A 199 -11.09 3.94 4.59
CA SER A 199 -10.05 4.95 4.43
C SER A 199 -10.49 6.39 4.66
N PRO A 200 -11.16 6.67 5.78
CA PRO A 200 -11.56 8.07 5.97
C PRO A 200 -10.37 8.97 6.29
N LEU A 201 -10.45 10.23 5.88
CA LEU A 201 -9.37 11.17 6.13
C LEU A 201 -9.48 11.74 7.53
N PHE A 202 -10.70 12.10 7.92
CA PHE A 202 -10.97 12.68 9.23
C PHE A 202 -11.93 11.80 10.03
N ALA A 203 -12.02 12.04 11.33
CA ALA A 203 -12.87 11.26 12.21
C ALA A 203 -14.37 11.39 11.96
N GLY A 204 -14.85 12.60 11.75
CA GLY A 204 -16.27 12.76 11.53
C GLY A 204 -17.02 12.68 12.85
N ASN A 205 -17.46 13.84 13.31
CA ASN A 205 -18.19 14.01 14.57
C ASN A 205 -19.37 13.06 14.84
N GLU A 206 -19.67 12.17 13.91
CA GLU A 206 -20.79 11.24 14.09
C GLU A 206 -20.46 9.97 14.89
N ASP A 207 -21.27 8.93 14.70
CA ASP A 207 -21.11 7.65 15.42
C ASP A 207 -19.67 7.13 15.53
N ALA A 208 -18.95 7.61 16.55
CA ALA A 208 -17.56 7.23 16.75
C ALA A 208 -17.20 6.67 18.12
N SER A 209 -16.18 5.81 18.11
CA SER A 209 -15.61 5.15 19.28
C SER A 209 -14.23 4.73 18.85
N SER A 210 -14.03 4.72 17.54
CA SER A 210 -12.73 4.38 16.98
C SER A 210 -11.93 5.64 17.25
N ARG A 211 -12.37 6.76 16.66
CA ARG A 211 -11.70 8.02 16.96
C ARG A 211 -10.18 7.94 16.71
N PHE A 212 -9.68 6.75 16.36
CA PHE A 212 -8.26 6.55 16.06
C PHE A 212 -8.19 6.03 14.63
N SER A 213 -9.34 5.59 14.14
CA SER A 213 -9.44 4.99 12.81
C SER A 213 -9.70 5.88 11.61
N ASN A 214 -8.77 6.82 11.38
CA ASN A 214 -8.84 7.75 10.26
C ASN A 214 -7.40 8.16 9.96
N ALA A 215 -7.15 8.63 8.74
CA ALA A 215 -5.79 9.00 8.34
C ALA A 215 -5.16 10.12 9.17
N ASP A 216 -5.93 11.16 9.48
CA ASP A 216 -5.42 12.28 10.25
C ASP A 216 -4.90 11.85 11.62
N TYR A 217 -5.63 10.98 12.31
CA TYR A 217 -5.14 10.52 13.61
C TYR A 217 -3.82 9.78 13.45
N ALA A 218 -3.79 8.81 12.54
CA ALA A 218 -2.59 8.01 12.30
C ALA A 218 -1.36 8.88 11.99
N VAL A 219 -1.53 9.87 11.12
CA VAL A 219 -0.41 10.74 10.77
C VAL A 219 0.09 11.51 12.01
N SER A 220 -0.83 12.17 12.72
CA SER A 220 -0.50 12.94 13.91
C SER A 220 0.23 12.08 14.93
N TYR A 221 -0.28 10.88 15.15
CA TYR A 221 0.29 9.96 16.11
C TYR A 221 1.73 9.55 15.73
N MET A 222 1.96 9.28 14.45
CA MET A 222 3.29 8.91 13.99
C MET A 222 4.25 10.07 14.20
N LEU A 223 3.79 11.29 13.92
CA LEU A 223 4.65 12.45 14.12
C LEU A 223 4.97 12.61 15.61
N ARG A 224 3.98 12.37 16.48
CA ARG A 224 4.19 12.49 17.91
C ARG A 224 5.15 11.42 18.42
N LEU A 225 5.07 10.22 17.86
CA LEU A 225 5.96 9.14 18.28
C LEU A 225 7.42 9.30 17.85
N GLY A 226 7.72 10.31 17.02
CA GLY A 226 9.10 10.53 16.63
C GLY A 226 9.51 10.32 15.18
N ALA A 227 8.57 9.96 14.31
CA ALA A 227 8.89 9.79 12.91
C ALA A 227 8.94 11.15 12.24
N PRO A 228 10.01 11.46 11.51
CA PRO A 228 10.01 12.78 10.88
C PRO A 228 9.08 12.81 9.68
N ALA A 229 8.42 13.95 9.50
CA ALA A 229 7.49 14.13 8.41
C ALA A 229 8.15 13.84 7.06
N ASN A 230 9.43 14.19 6.92
CA ASN A 230 10.10 13.98 5.64
C ASN A 230 10.43 12.53 5.30
N LYS A 231 10.04 11.60 6.17
CA LYS A 231 10.25 10.18 5.90
C LYS A 231 8.91 9.44 5.84
N LEU A 232 7.83 10.16 6.15
CA LEU A 232 6.49 9.58 6.15
C LEU A 232 5.76 9.73 4.83
N VAL A 233 5.18 8.63 4.35
CA VAL A 233 4.42 8.64 3.10
C VAL A 233 3.01 8.10 3.41
N MET A 234 1.99 8.83 2.99
CA MET A 234 0.61 8.43 3.28
C MET A 234 0.00 7.51 2.23
N GLY A 235 -0.49 6.37 2.68
CA GLY A 235 -1.10 5.40 1.79
C GLY A 235 -2.45 5.84 1.27
N ILE A 236 -2.63 5.69 -0.04
CA ILE A 236 -3.89 6.05 -0.71
C ILE A 236 -4.32 4.81 -1.48
N PRO A 237 -5.54 4.32 -1.24
CA PRO A 237 -5.98 3.12 -1.95
C PRO A 237 -6.60 3.38 -3.30
N THR A 238 -6.47 2.37 -4.14
CA THR A 238 -6.97 2.43 -5.48
C THR A 238 -8.03 1.34 -5.69
N PHE A 239 -8.48 0.77 -4.58
CA PHE A 239 -9.50 -0.27 -4.55
C PHE A 239 -10.59 0.18 -3.59
N GLY A 240 -11.69 -0.56 -3.54
CA GLY A 240 -12.76 -0.23 -2.62
C GLY A 240 -13.11 -1.48 -1.85
N ARG A 241 -13.82 -1.33 -0.74
CA ARG A 241 -14.23 -2.49 0.03
C ARG A 241 -15.75 -2.60 -0.09
N SER A 242 -16.24 -3.79 -0.34
CA SER A 242 -17.67 -4.02 -0.55
C SER A 242 -18.32 -4.85 0.55
N PHE A 243 -19.63 -4.67 0.71
CA PHE A 243 -20.44 -5.38 1.70
C PHE A 243 -21.78 -5.79 1.14
N THR A 244 -22.30 -6.91 1.64
CA THR A 244 -23.63 -7.36 1.25
C THR A 244 -24.49 -6.87 2.40
N LEU A 245 -25.46 -6.02 2.11
CA LEU A 245 -26.33 -5.47 3.16
C LEU A 245 -27.30 -6.51 3.74
N ALA A 246 -27.58 -6.39 5.04
CA ALA A 246 -28.48 -7.32 5.72
C ALA A 246 -29.91 -6.78 5.76
N SER A 247 -30.08 -5.51 5.39
CA SER A 247 -31.40 -4.88 5.39
C SER A 247 -31.47 -3.86 4.26
N SER A 248 -32.55 -3.10 4.20
CA SER A 248 -32.67 -2.09 3.17
C SER A 248 -32.03 -0.77 3.60
N LYS A 249 -31.49 -0.75 4.81
CA LYS A 249 -30.82 0.45 5.31
C LYS A 249 -29.44 0.61 4.67
N THR A 250 -29.16 1.81 4.17
CA THR A 250 -27.91 2.13 3.48
C THR A 250 -26.96 3.10 4.22
N ASP A 251 -27.52 3.88 5.15
CA ASP A 251 -26.74 4.88 5.89
C ASP A 251 -25.76 4.32 6.93
N VAL A 252 -25.03 5.21 7.59
CA VAL A 252 -24.03 4.83 8.60
C VAL A 252 -24.58 3.82 9.61
N GLY A 253 -23.77 2.81 9.93
CA GLY A 253 -24.19 1.80 10.89
C GLY A 253 -25.13 0.75 10.34
N ALA A 254 -25.55 0.90 9.09
CA ALA A 254 -26.44 -0.06 8.45
C ALA A 254 -25.93 -1.48 8.69
N PRO A 255 -26.84 -2.43 8.94
CA PRO A 255 -26.44 -3.82 9.18
C PRO A 255 -25.85 -4.46 7.92
N VAL A 256 -24.95 -5.40 8.13
CA VAL A 256 -24.25 -6.08 7.05
C VAL A 256 -24.27 -7.60 7.28
N SER A 257 -24.40 -8.36 6.21
CA SER A 257 -24.45 -9.83 6.30
C SER A 257 -23.10 -10.49 6.04
N GLY A 258 -22.26 -9.81 5.28
CA GLY A 258 -20.94 -10.34 4.95
C GLY A 258 -20.30 -9.47 3.90
N PRO A 259 -19.17 -9.91 3.33
CA PRO A 259 -18.49 -9.10 2.31
C PRO A 259 -19.31 -9.03 1.03
N GLY A 260 -18.90 -8.12 0.15
CA GLY A 260 -19.59 -7.97 -1.11
C GLY A 260 -19.25 -9.07 -2.07
N VAL A 261 -20.11 -9.15 -3.08
CA VAL A 261 -20.02 -10.07 -4.19
C VAL A 261 -18.72 -9.80 -4.97
N PRO A 262 -17.96 -10.86 -5.35
CA PRO A 262 -16.71 -10.67 -6.11
C PRO A 262 -16.85 -9.84 -7.37
N GLY A 263 -15.76 -9.19 -7.75
CA GLY A 263 -15.74 -8.41 -8.98
C GLY A 263 -15.45 -9.39 -10.10
N ARG A 264 -15.86 -9.04 -11.31
CA ARG A 264 -15.65 -9.87 -12.50
C ARG A 264 -14.19 -10.18 -12.80
N PHE A 265 -13.34 -9.20 -12.55
CA PHE A 265 -11.91 -9.34 -12.85
C PHE A 265 -11.01 -9.68 -11.66
N THR A 266 -11.25 -9.09 -10.50
CA THR A 266 -10.40 -9.35 -9.34
C THR A 266 -10.79 -10.61 -8.59
N LYS A 267 -12.05 -11.00 -8.72
CA LYS A 267 -12.55 -12.24 -8.13
C LYS A 267 -12.29 -12.50 -6.66
N GLU A 268 -12.39 -11.46 -5.86
CA GLU A 268 -12.17 -11.59 -4.43
C GLU A 268 -13.32 -10.95 -3.66
N LYS A 269 -13.98 -11.75 -2.82
CA LYS A 269 -15.09 -11.24 -2.02
C LYS A 269 -14.59 -10.08 -1.16
N GLY A 270 -15.37 -8.99 -1.12
CA GLY A 270 -14.99 -7.87 -0.28
C GLY A 270 -14.11 -6.78 -0.88
N ILE A 271 -13.54 -7.02 -2.06
CA ILE A 271 -12.69 -6.03 -2.71
C ILE A 271 -13.15 -5.80 -4.14
N LEU A 272 -12.94 -4.58 -4.63
CA LEU A 272 -13.23 -4.23 -6.00
C LEU A 272 -12.15 -3.27 -6.47
N ALA A 273 -11.67 -3.48 -7.69
CA ALA A 273 -10.69 -2.58 -8.26
C ALA A 273 -11.42 -1.31 -8.63
N TYR A 274 -10.70 -0.19 -8.73
CA TYR A 274 -11.34 1.06 -9.11
C TYR A 274 -11.99 0.95 -10.48
N TYR A 275 -11.37 0.20 -11.39
CA TYR A 275 -11.95 0.08 -12.72
C TYR A 275 -13.25 -0.71 -12.66
N GLU A 276 -13.39 -1.60 -11.67
CA GLU A 276 -14.63 -2.36 -11.51
C GLU A 276 -15.70 -1.47 -10.85
N ILE A 277 -15.25 -0.56 -10.00
CA ILE A 277 -16.15 0.37 -9.32
C ILE A 277 -16.73 1.34 -10.35
N CYS A 278 -15.93 1.71 -11.33
CA CYS A 278 -16.40 2.62 -12.37
C CYS A 278 -17.58 2.00 -13.12
N ASP A 279 -17.56 0.68 -13.26
CA ASP A 279 -18.62 -0.04 -13.93
C ASP A 279 -19.83 -0.15 -13.00
N PHE A 280 -19.57 -0.52 -11.75
CA PHE A 280 -20.60 -0.66 -10.71
C PHE A 280 -21.41 0.61 -10.49
N LEU A 281 -20.79 1.77 -10.74
CA LEU A 281 -21.45 3.04 -10.52
C LEU A 281 -22.64 3.30 -11.45
N HIS A 282 -22.65 2.69 -12.64
CA HIS A 282 -23.76 2.88 -13.56
C HIS A 282 -24.96 2.19 -12.89
N GLY A 283 -25.94 2.98 -12.46
CA GLY A 283 -27.15 2.44 -11.86
C GLY A 283 -27.09 2.43 -10.33
N ALA A 284 -25.99 2.91 -9.74
CA ALA A 284 -25.85 2.93 -8.29
C ALA A 284 -26.14 4.32 -7.76
N THR A 285 -26.44 4.39 -6.46
CA THR A 285 -26.69 5.66 -5.81
C THR A 285 -25.37 6.02 -5.15
N THR A 286 -24.86 7.22 -5.40
CA THR A 286 -23.60 7.62 -4.77
C THR A 286 -23.82 8.63 -3.65
N HIS A 287 -23.05 8.47 -2.59
CA HIS A 287 -23.12 9.34 -1.42
C HIS A 287 -21.71 9.72 -1.00
N ARG A 288 -21.60 10.65 -0.04
CA ARG A 288 -20.31 11.04 0.48
C ARG A 288 -20.42 11.42 1.95
N PHE A 289 -19.48 10.96 2.75
CA PHE A 289 -19.44 11.30 4.16
C PHE A 289 -18.82 12.69 4.16
N ARG A 290 -19.56 13.70 4.61
CA ARG A 290 -19.04 15.07 4.61
C ARG A 290 -17.91 15.21 5.62
N ASP A 291 -18.07 14.57 6.78
CA ASP A 291 -17.06 14.65 7.82
C ASP A 291 -15.76 13.92 7.48
N GLN A 292 -15.88 12.68 7.01
CA GLN A 292 -14.72 11.86 6.67
C GLN A 292 -14.11 12.19 5.30
N GLN A 293 -14.91 12.85 4.46
CA GLN A 293 -14.51 13.28 3.13
C GLN A 293 -14.20 12.15 2.13
N VAL A 294 -14.96 11.08 2.22
CA VAL A 294 -14.79 9.94 1.33
C VAL A 294 -16.16 9.47 0.83
N PRO A 295 -16.24 8.95 -0.41
CA PRO A 295 -17.50 8.49 -0.99
C PRO A 295 -17.85 7.02 -0.78
N TYR A 296 -19.10 6.70 -1.08
CA TYR A 296 -19.57 5.31 -1.02
C TYR A 296 -20.77 5.20 -1.95
N ALA A 297 -21.09 3.98 -2.37
CA ALA A 297 -22.20 3.80 -3.29
C ALA A 297 -22.94 2.50 -3.01
N THR A 298 -24.20 2.46 -3.46
CA THR A 298 -25.03 1.27 -3.25
C THR A 298 -25.86 0.94 -4.49
N LYS A 299 -26.07 -0.35 -4.68
CA LYS A 299 -26.82 -0.87 -5.83
C LYS A 299 -27.38 -2.18 -5.31
N GLY A 300 -28.70 -2.34 -5.33
CA GLY A 300 -29.30 -3.57 -4.84
C GLY A 300 -28.96 -3.78 -3.38
N ASN A 301 -28.37 -4.93 -3.04
CA ASN A 301 -27.97 -5.16 -1.65
C ASN A 301 -26.45 -5.03 -1.50
N GLN A 302 -25.82 -4.32 -2.44
CA GLN A 302 -24.37 -4.15 -2.41
C GLN A 302 -23.96 -2.75 -1.99
N TRP A 303 -23.00 -2.67 -1.08
CA TRP A 303 -22.54 -1.40 -0.53
C TRP A 303 -21.01 -1.30 -0.70
N VAL A 304 -20.55 -0.25 -1.36
CA VAL A 304 -19.12 -0.09 -1.63
C VAL A 304 -18.50 1.21 -1.08
N ALA A 305 -17.43 1.05 -0.31
CA ALA A 305 -16.65 2.19 0.23
C ALA A 305 -15.46 2.33 -0.69
N TYR A 306 -15.27 3.50 -1.30
CA TYR A 306 -14.17 3.69 -2.23
C TYR A 306 -13.60 5.11 -2.22
N ASP A 307 -12.62 5.34 -3.07
CA ASP A 307 -11.99 6.64 -3.20
C ASP A 307 -12.10 7.05 -4.67
N ASP A 308 -12.43 8.31 -4.92
CA ASP A 308 -12.54 8.78 -6.29
C ASP A 308 -11.52 9.90 -6.51
N GLN A 309 -11.49 10.48 -7.70
CA GLN A 309 -10.48 11.49 -8.00
C GLN A 309 -10.54 12.64 -6.99
N GLU A 310 -11.74 13.01 -6.56
CA GLU A 310 -11.88 14.11 -5.61
C GLU A 310 -11.34 13.76 -4.21
N SER A 311 -11.64 12.58 -3.69
CA SER A 311 -11.16 12.25 -2.35
C SER A 311 -9.66 12.02 -2.30
N VAL A 312 -9.13 11.49 -3.39
CA VAL A 312 -7.70 11.21 -3.52
C VAL A 312 -6.91 12.54 -3.60
N LYS A 313 -7.47 13.52 -4.30
CA LYS A 313 -6.85 14.84 -4.40
C LYS A 313 -6.87 15.53 -3.04
N ASN A 314 -7.96 15.31 -2.34
CA ASN A 314 -8.17 15.87 -1.02
C ASN A 314 -7.13 15.30 -0.05
N LYS A 315 -6.85 14.01 -0.15
CA LYS A 315 -5.86 13.38 0.70
C LYS A 315 -4.45 13.87 0.37
N ALA A 316 -4.21 14.12 -0.93
CA ALA A 316 -2.90 14.59 -1.37
C ALA A 316 -2.63 16.01 -0.85
N ARG A 317 -3.68 16.84 -0.80
CA ARG A 317 -3.53 18.20 -0.30
C ARG A 317 -3.24 18.16 1.19
N TYR A 318 -3.93 17.27 1.87
CA TYR A 318 -3.74 17.11 3.30
C TYR A 318 -2.29 16.77 3.62
N LEU A 319 -1.72 15.80 2.89
CA LEU A 319 -0.36 15.40 3.17
C LEU A 319 0.64 16.50 2.84
N LYS A 320 0.33 17.30 1.82
CA LYS A 320 1.20 18.42 1.47
C LYS A 320 1.13 19.43 2.61
N ASN A 321 -0.08 19.66 3.12
CA ASN A 321 -0.26 20.60 4.23
C ASN A 321 0.43 20.16 5.53
N ARG A 322 0.63 18.85 5.70
CA ARG A 322 1.35 18.31 6.86
C ARG A 322 2.83 18.20 6.56
N GLN A 323 3.20 18.57 5.35
CA GLN A 323 4.58 18.53 4.85
C GLN A 323 5.21 17.13 4.91
N LEU A 324 4.44 16.11 4.53
CA LEU A 324 4.97 14.76 4.52
C LEU A 324 5.83 14.59 3.27
N ALA A 325 6.58 13.51 3.21
CA ALA A 325 7.45 13.23 2.08
C ALA A 325 6.69 12.91 0.80
N GLY A 326 5.48 12.39 0.91
CA GLY A 326 4.72 12.08 -0.29
C GLY A 326 3.58 11.12 -0.06
N ALA A 327 3.16 10.48 -1.15
CA ALA A 327 2.05 9.54 -1.13
C ALA A 327 2.49 8.17 -1.62
N MET A 328 1.75 7.15 -1.16
CA MET A 328 1.98 5.77 -1.57
C MET A 328 0.64 5.30 -2.11
N VAL A 329 0.67 4.57 -3.21
CA VAL A 329 -0.54 4.10 -3.83
C VAL A 329 -0.57 2.57 -3.92
N TRP A 330 -1.67 1.98 -3.45
CA TRP A 330 -1.85 0.53 -3.54
C TRP A 330 -3.19 0.40 -4.26
N ALA A 331 -3.18 -0.08 -5.51
CA ALA A 331 -1.99 -0.47 -6.25
C ALA A 331 -2.24 -0.12 -7.72
N LEU A 332 -1.17 0.06 -8.50
CA LEU A 332 -1.30 0.42 -9.90
C LEU A 332 -2.23 -0.48 -10.71
N ASP A 333 -2.21 -1.77 -10.43
CA ASP A 333 -3.03 -2.73 -11.17
C ASP A 333 -4.51 -2.70 -10.80
N LEU A 334 -4.86 -1.89 -9.79
CA LEU A 334 -6.25 -1.78 -9.37
C LEU A 334 -6.84 -0.44 -9.85
N ASP A 335 -5.97 0.47 -10.29
CA ASP A 335 -6.38 1.75 -10.85
C ASP A 335 -6.84 1.42 -12.28
N ASP A 336 -7.51 2.34 -12.97
CA ASP A 336 -7.92 2.07 -14.35
C ASP A 336 -6.67 2.22 -15.22
N PHE A 337 -5.79 1.22 -15.16
CA PHE A 337 -4.54 1.28 -15.90
C PHE A 337 -4.67 1.33 -17.43
N ARG A 338 -5.72 0.72 -17.98
CA ARG A 338 -5.91 0.78 -19.44
C ARG A 338 -6.58 2.09 -19.82
N GLY A 339 -7.32 2.67 -18.88
CA GLY A 339 -7.98 3.94 -19.13
C GLY A 339 -9.26 3.82 -19.95
N THR A 340 -9.81 2.61 -20.00
CA THR A 340 -11.00 2.33 -20.78
C THR A 340 -12.28 2.00 -19.99
N PHE A 341 -12.22 1.96 -18.66
CA PHE A 341 -13.41 1.66 -17.87
C PHE A 341 -14.07 2.87 -17.24
N CYS A 342 -13.24 3.83 -16.83
CA CYS A 342 -13.76 4.98 -16.09
C CYS A 342 -14.26 6.23 -16.80
N GLY A 343 -14.41 6.18 -18.12
CA GLY A 343 -14.93 7.35 -18.81
C GLY A 343 -13.87 8.25 -19.40
N GLN A 344 -13.74 9.46 -18.83
CA GLN A 344 -12.75 10.41 -19.36
C GLN A 344 -11.45 9.67 -19.64
N ASN A 345 -11.11 9.60 -20.92
CA ASN A 345 -9.94 8.88 -21.40
C ASN A 345 -8.63 9.30 -20.77
N LEU A 346 -8.32 8.65 -19.66
CA LEU A 346 -7.11 8.92 -18.91
C LEU A 346 -6.68 7.59 -18.32
N THR A 347 -5.41 7.28 -18.53
CA THR A 347 -4.80 6.08 -18.02
C THR A 347 -4.44 6.42 -16.55
N PHE A 348 -4.66 5.50 -15.62
CA PHE A 348 -4.37 5.73 -14.18
C PHE A 348 -5.00 7.02 -13.64
N PRO A 349 -6.33 7.15 -13.72
CA PRO A 349 -6.99 8.36 -13.23
C PRO A 349 -6.77 8.72 -11.76
N LEU A 350 -6.76 7.71 -10.89
CA LEU A 350 -6.57 7.98 -9.47
C LEU A 350 -5.13 8.38 -9.16
N THR A 351 -4.17 7.60 -9.65
CA THR A 351 -2.76 7.89 -9.41
C THR A 351 -2.36 9.23 -10.05
N SER A 352 -2.91 9.52 -11.23
CA SER A 352 -2.62 10.77 -11.94
C SER A 352 -3.16 11.98 -11.17
N ALA A 353 -4.34 11.82 -10.56
CA ALA A 353 -4.93 12.88 -9.77
C ALA A 353 -4.00 13.23 -8.60
N VAL A 354 -3.44 12.19 -7.98
CA VAL A 354 -2.52 12.41 -6.86
C VAL A 354 -1.27 13.12 -7.35
N LYS A 355 -0.71 12.63 -8.46
CA LYS A 355 0.49 13.23 -9.03
C LYS A 355 0.29 14.71 -9.34
N ASP A 356 -0.86 15.04 -9.94
CA ASP A 356 -1.17 16.44 -10.28
C ASP A 356 -1.13 17.35 -9.07
N VAL A 357 -1.77 16.92 -7.98
CA VAL A 357 -1.79 17.73 -6.77
C VAL A 357 -0.38 17.89 -6.23
N LEU A 358 0.38 16.80 -6.22
CA LEU A 358 1.74 16.83 -5.71
C LEU A 358 2.63 17.74 -6.58
N ALA A 359 2.30 17.88 -7.86
CA ALA A 359 3.10 18.73 -8.74
C ALA A 359 2.71 20.23 -8.62
N GLU A 360 1.59 20.52 -7.96
CA GLU A 360 1.12 21.91 -7.75
C GLU A 360 2.14 22.63 -6.85
N VAL A 361 2.95 21.84 -6.13
CA VAL A 361 3.99 22.34 -5.21
C VAL A 361 5.18 21.37 -5.17
#